data_6YD3
#
_entry.id   6YD3
#
_cell.length_a   131.561
_cell.length_b   131.561
_cell.length_c   155.300
_cell.angle_alpha   90.000
_cell.angle_beta   90.000
_cell.angle_gamma   120.000
#
_symmetry.space_group_name_H-M   'P 65 2 2'
#
loop_
_entity.id
_entity.type
_entity.pdbx_description
1 polymer Furin
2 polymer 4-guanidinomethyl-phenylacetyl-Canavanine-Tle-Arg-Amba
3 non-polymer 'CALCIUM ION'
4 non-polymer 'SODIUM ION'
5 non-polymer 'CHLORIDE ION'
6 non-polymer 'PHOSPHATE ION'
7 non-polymer 'DIMETHYL SULFOXIDE'
8 water water
#
loop_
_entity_poly.entity_id
_entity_poly.type
_entity_poly.pdbx_seq_one_letter_code
_entity_poly.pdbx_strand_id
1 'polypeptide(L)'
;DVYQEPTDPKFPQQWYLSGVTQRDLNVKAAWAQGYTGHGIVVSILDDGIEKNHPDLAGNYDPGASFDVNDQDPDPQPRYT
QMNDNRHGTRCAGEVAAVANNGVCGVGVAYNARIGGVRMLDGEVTDAVEARSLGLNPNHIHIYSASWGPEDDGKTVDGPA
RLAEEAFFRGVSQGRGGLGSIFVWASGNGGREHDSCNCDGYTNSIYTLSISSATQFGNVPWYSEACSSTLATTYSSGNQN
EKQIVTTDLRQKCTESHTGTSASAPLAAGIIALTLEANKNLTWRDMQHLVVQTSKPAHLNANDWATNGVGRKVSHSYGYG
LLDAGAMVALAQNWTTVAPQRKCIIDILTEPKDIGKRLEVRKTVTACLGEPNHITRLEHAQARLTLSYNRRGDLAIHLVS
PMGTRSTLLAARPHDYSADGFNDWAFMTTHSWDEDPSGEWVLEIENTSEANNYGTLTKFTLVLYGTASGSLVPRGSHHHH
;
A
2 'polypeptide(L)' (3U0)(GGB)(TBG)K(00S) 611
#
# COMPACT_ATOMS: atom_id res chain seq x y z
N VAL A 2 18.81 23.44 17.65
CA VAL A 2 19.07 22.02 17.89
C VAL A 2 17.75 21.32 18.20
N TYR A 3 17.39 20.34 17.38
CA TYR A 3 16.10 19.67 17.55
C TYR A 3 16.08 18.85 18.85
N GLN A 4 15.00 18.98 19.60
CA GLN A 4 14.81 18.22 20.83
C GLN A 4 13.75 17.14 20.57
N GLU A 5 14.10 15.90 20.84
CA GLU A 5 13.18 14.81 20.56
C GLU A 5 12.08 14.76 21.61
N PRO A 6 10.98 14.07 21.32
CA PRO A 6 9.84 14.07 22.25
C PRO A 6 10.21 13.54 23.62
N THR A 7 9.51 14.05 24.62
CA THR A 7 9.64 13.65 26.01
C THR A 7 8.51 12.74 26.46
N ASP A 8 7.61 12.36 25.56
CA ASP A 8 6.46 11.58 25.97
C ASP A 8 6.92 10.31 26.68
N PRO A 9 6.12 9.81 27.63
CA PRO A 9 6.61 8.71 28.48
C PRO A 9 6.89 7.41 27.75
N LYS A 10 6.15 7.11 26.68
CA LYS A 10 6.37 5.88 25.92
C LYS A 10 7.22 6.10 24.68
N PHE A 11 7.69 7.32 24.41
CA PHE A 11 8.49 7.53 23.22
C PHE A 11 9.72 6.64 23.21
N PRO A 12 10.42 6.43 24.33
CA PRO A 12 11.57 5.51 24.31
C PRO A 12 11.23 4.09 23.88
N GLN A 13 9.97 3.67 23.95
CA GLN A 13 9.54 2.35 23.48
C GLN A 13 9.20 2.34 21.98
N GLN A 14 9.26 3.47 21.29
CA GLN A 14 8.93 3.53 19.85
C GLN A 14 10.19 3.28 19.04
N TRP A 15 10.66 2.05 19.16
CA TRP A 15 11.92 1.63 18.58
C TRP A 15 11.96 1.84 17.07
N TYR A 16 10.80 1.81 16.40
CA TYR A 16 10.69 1.91 14.95
C TYR A 16 10.81 3.32 14.42
N LEU A 17 10.73 4.33 15.29
CA LEU A 17 10.83 5.73 14.86
C LEU A 17 12.27 6.22 14.80
N SER A 18 13.12 5.80 15.73
CA SER A 18 14.49 6.27 15.77
C SER A 18 15.31 5.33 16.65
N GLY A 19 16.62 5.51 16.59
CA GLY A 19 17.53 4.79 17.44
C GLY A 19 18.94 4.82 16.91
N VAL A 20 19.88 4.53 17.81
CA VAL A 20 21.27 4.37 17.40
C VAL A 20 21.44 3.15 16.51
N THR A 21 20.47 2.22 16.52
CA THR A 21 20.70 0.88 15.98
C THR A 21 20.57 0.80 14.46
N GLN A 22 19.82 1.70 13.82
CA GLN A 22 19.53 1.74 12.38
C GLN A 22 18.34 0.83 12.00
N ARG A 23 17.80 0.03 12.92
CA ARG A 23 16.56 -0.70 12.64
C ARG A 23 15.36 0.21 12.96
N ASP A 24 15.17 1.22 12.09
CA ASP A 24 14.08 2.16 12.27
C ASP A 24 13.72 2.80 10.93
N LEU A 25 12.61 3.54 10.93
CA LEU A 25 12.09 4.25 9.77
C LEU A 25 12.70 5.64 9.59
N ASN A 26 13.72 5.99 10.36
CA ASN A 26 14.47 7.22 10.18
C ASN A 26 13.56 8.44 10.23
N VAL A 27 12.65 8.44 11.21
CA VAL A 27 11.66 9.49 11.34
C VAL A 27 12.23 10.70 12.05
N LYS A 28 13.09 10.50 13.05
CA LYS A 28 13.67 11.63 13.76
C LYS A 28 14.48 12.52 12.83
N ALA A 29 15.11 11.92 11.83
CA ALA A 29 15.85 12.72 10.84
C ALA A 29 14.93 13.67 10.09
N ALA A 30 13.70 13.27 9.80
CA ALA A 30 12.77 14.19 9.16
C ALA A 30 12.33 15.28 10.13
N TRP A 31 12.03 14.90 11.37
CA TRP A 31 11.69 15.87 12.39
C TRP A 31 12.76 16.95 12.53
N ALA A 32 14.03 16.54 12.55
CA ALA A 32 15.12 17.49 12.69
C ALA A 32 15.29 18.39 11.48
N GLN A 33 14.82 17.99 10.30
CA GLN A 33 14.81 18.87 9.14
C GLN A 33 13.66 19.87 9.23
N GLY A 34 12.81 19.77 10.24
CA GLY A 34 11.69 20.68 10.39
C GLY A 34 10.33 20.17 9.99
N TYR A 35 10.19 18.89 9.70
CA TYR A 35 8.93 18.34 9.22
C TYR A 35 8.29 17.46 10.27
N THR A 36 7.11 17.87 10.73
CA THR A 36 6.37 17.15 11.75
C THR A 36 4.92 16.95 11.34
N GLY A 37 4.52 17.43 10.17
CA GLY A 37 3.19 17.24 9.67
C GLY A 37 2.31 18.46 9.71
N HIS A 38 2.81 19.62 10.16
N HIS A 38 2.81 19.61 10.18
CA HIS A 38 1.99 20.81 10.24
CA HIS A 38 2.02 20.83 10.22
C HIS A 38 1.32 21.05 8.89
C HIS A 38 1.33 21.05 8.89
N GLY A 39 0.01 21.26 8.92
CA GLY A 39 -0.74 21.61 7.74
C GLY A 39 -1.26 20.45 6.93
N ILE A 40 -0.89 19.22 7.25
CA ILE A 40 -1.30 18.05 6.49
C ILE A 40 -2.45 17.36 7.24
N VAL A 41 -3.36 16.79 6.48
CA VAL A 41 -4.60 16.23 7.00
C VAL A 41 -4.65 14.76 6.60
N VAL A 42 -4.78 13.89 7.59
CA VAL A 42 -4.87 12.46 7.37
C VAL A 42 -6.17 11.95 7.96
N SER A 43 -6.82 11.03 7.25
CA SER A 43 -8.02 10.39 7.75
C SER A 43 -7.86 8.87 7.79
N ILE A 44 -8.28 8.29 8.91
CA ILE A 44 -8.29 6.85 9.15
C ILE A 44 -9.68 6.32 8.83
N LEU A 45 -9.79 5.49 7.80
CA LEU A 45 -11.05 4.88 7.38
C LEU A 45 -11.14 3.56 8.12
N ASP A 46 -11.99 3.47 9.13
CA ASP A 46 -11.91 2.30 10.01
C ASP A 46 -13.18 2.25 10.84
N ASP A 47 -13.07 1.86 12.11
CA ASP A 47 -14.24 1.63 12.97
C ASP A 47 -14.51 2.82 13.86
N GLY A 48 -13.93 3.98 13.57
CA GLY A 48 -14.11 5.19 14.36
C GLY A 48 -12.80 5.68 14.94
N ILE A 49 -12.87 6.86 15.55
CA ILE A 49 -11.72 7.50 16.19
C ILE A 49 -12.20 8.14 17.49
N GLU A 50 -11.54 7.83 18.60
CA GLU A 50 -11.83 8.47 19.87
C GLU A 50 -11.32 9.91 19.84
N LYS A 51 -12.19 10.83 19.40
CA LYS A 51 -11.74 12.19 19.10
C LYS A 51 -11.34 12.97 20.34
N ASN A 52 -11.76 12.52 21.52
CA ASN A 52 -11.40 13.15 22.78
C ASN A 52 -10.25 12.43 23.48
N HIS A 53 -9.61 11.48 22.82
CA HIS A 53 -8.48 10.82 23.45
C HIS A 53 -7.44 11.86 23.84
N PRO A 54 -6.85 11.76 25.03
CA PRO A 54 -5.89 12.79 25.46
C PRO A 54 -4.67 12.93 24.55
N ASP A 55 -4.32 11.89 23.76
CA ASP A 55 -3.22 12.00 22.81
C ASP A 55 -3.67 12.25 21.38
N LEU A 56 -4.97 12.41 21.12
CA LEU A 56 -5.46 12.78 19.79
C LEU A 56 -6.20 14.12 19.75
N ALA A 57 -6.78 14.57 20.86
CA ALA A 57 -7.70 15.71 20.81
C ALA A 57 -7.02 16.96 20.25
N GLY A 58 -5.75 17.17 20.58
CA GLY A 58 -5.07 18.35 20.08
C GLY A 58 -4.85 18.39 18.59
N ASN A 59 -4.90 17.25 17.91
CA ASN A 59 -4.74 17.19 16.46
C ASN A 59 -6.03 16.81 15.74
N TYR A 60 -7.10 16.55 16.47
CA TYR A 60 -8.31 16.05 15.84
C TYR A 60 -8.90 17.08 14.89
N ASP A 61 -9.41 16.61 13.76
CA ASP A 61 -9.93 17.47 12.71
C ASP A 61 -11.30 16.97 12.33
N PRO A 62 -12.39 17.65 12.74
CA PRO A 62 -13.72 17.19 12.31
C PRO A 62 -13.91 17.23 10.80
N GLY A 63 -13.17 18.10 10.11
CA GLY A 63 -13.26 18.13 8.65
C GLY A 63 -12.70 16.91 7.97
N ALA A 64 -11.93 16.11 8.69
CA ALA A 64 -11.35 14.88 8.21
C ALA A 64 -12.13 13.67 8.65
N SER A 65 -13.35 13.88 9.16
CA SER A 65 -14.07 12.84 9.85
C SER A 65 -15.52 12.80 9.41
N PHE A 66 -16.10 11.62 9.55
CA PHE A 66 -17.53 11.42 9.31
C PHE A 66 -17.87 10.03 9.84
N ASP A 67 -19.15 9.82 10.10
CA ASP A 67 -19.68 8.51 10.48
C ASP A 67 -20.60 8.05 9.37
N VAL A 68 -20.09 7.18 8.51
CA VAL A 68 -20.87 6.66 7.40
C VAL A 68 -21.79 5.55 7.87
N ASN A 69 -21.40 4.81 8.91
CA ASN A 69 -22.25 3.73 9.39
C ASN A 69 -23.58 4.24 9.93
N ASP A 70 -23.56 5.31 10.71
CA ASP A 70 -24.78 5.89 11.26
C ASP A 70 -25.21 7.20 10.61
N GLN A 71 -24.49 7.68 9.59
CA GLN A 71 -24.83 8.88 8.83
C GLN A 71 -24.92 10.10 9.75
N ASP A 72 -23.79 10.42 10.37
CA ASP A 72 -23.67 11.64 11.17
C ASP A 72 -22.22 12.08 11.12
N PRO A 73 -21.92 13.28 11.63
CA PRO A 73 -20.54 13.80 11.50
C PRO A 73 -19.57 13.24 12.50
N ASP A 74 -20.05 12.55 13.53
CA ASP A 74 -19.27 12.24 14.71
C ASP A 74 -18.75 10.82 14.63
N PRO A 75 -17.43 10.60 14.45
CA PRO A 75 -16.89 9.24 14.25
C PRO A 75 -16.57 8.50 15.55
N GLN A 76 -17.09 8.98 16.65
CA GLN A 76 -16.81 8.36 17.94
C GLN A 76 -17.10 6.86 17.87
N PRO A 77 -16.20 6.01 18.37
CA PRO A 77 -16.43 4.57 18.29
C PRO A 77 -17.59 4.13 19.18
N ARG A 78 -18.17 2.99 18.83
CA ARG A 78 -19.19 2.33 19.65
C ARG A 78 -18.51 1.52 20.74
N TYR A 79 -18.79 1.86 21.99
CA TYR A 79 -18.13 1.20 23.11
C TYR A 79 -18.84 -0.11 23.47
N THR A 80 -18.04 -1.16 23.62
CA THR A 80 -18.56 -2.49 23.95
C THR A 80 -17.60 -3.13 24.94
N GLN A 81 -18.07 -4.20 25.58
CA GLN A 81 -17.26 -4.87 26.58
C GLN A 81 -15.99 -5.46 25.99
N MET A 82 -16.08 -6.00 24.78
CA MET A 82 -14.91 -6.58 24.11
C MET A 82 -13.94 -5.52 23.59
N ASN A 83 -14.31 -4.24 23.60
CA ASN A 83 -13.53 -3.18 22.96
C ASN A 83 -13.26 -3.46 21.49
N ASP A 84 -14.29 -3.92 20.77
CA ASP A 84 -14.13 -4.29 19.35
C ASP A 84 -13.67 -3.09 18.51
N ASN A 85 -14.16 -1.90 18.83
CA ASN A 85 -14.01 -0.74 17.96
C ASN A 85 -12.84 0.15 18.38
N ARG A 86 -11.77 -0.50 18.82
CA ARG A 86 -10.53 0.17 19.19
C ARG A 86 -9.58 0.36 18.03
N HIS A 87 -9.87 -0.27 16.90
CA HIS A 87 -8.86 -0.48 15.86
C HIS A 87 -8.48 0.84 15.19
N GLY A 88 -9.46 1.65 14.84
CA GLY A 88 -9.17 2.92 14.20
C GLY A 88 -8.45 3.90 15.11
N THR A 89 -8.79 3.89 16.40
CA THR A 89 -8.06 4.75 17.33
C THR A 89 -6.59 4.38 17.41
N ARG A 90 -6.29 3.09 17.48
CA ARG A 90 -4.91 2.63 17.41
C ARG A 90 -4.22 3.12 16.14
N CYS A 91 -4.87 2.95 14.99
CA CYS A 91 -4.24 3.40 13.75
C CYS A 91 -4.00 4.91 13.77
N ALA A 92 -4.96 5.68 14.28
CA ALA A 92 -4.85 7.13 14.28
C ALA A 92 -3.63 7.61 15.07
N GLY A 93 -3.40 6.99 16.22
CA GLY A 93 -2.31 7.43 17.07
C GLY A 93 -0.97 7.18 16.47
N GLU A 94 -0.87 6.18 15.59
CA GLU A 94 0.38 5.96 14.89
C GLU A 94 0.72 7.14 14.01
N VAL A 95 -0.29 7.72 13.37
CA VAL A 95 -0.07 8.82 12.45
C VAL A 95 0.24 10.08 13.23
N ALA A 96 -0.60 10.41 14.25
CA ALA A 96 -0.66 11.80 14.69
C ALA A 96 -0.92 11.95 16.19
N ALA A 97 -0.49 10.99 16.99
CA ALA A 97 -0.56 11.19 18.42
C ALA A 97 0.26 12.42 18.78
N VAL A 98 -0.30 13.24 19.68
CA VAL A 98 0.33 14.50 20.09
C VAL A 98 1.67 14.27 20.79
N ALA A 99 2.59 15.18 20.57
CA ALA A 99 3.92 15.06 21.14
C ALA A 99 4.09 15.99 22.35
N ASN A 100 4.99 15.59 23.26
CA ASN A 100 5.46 16.46 24.36
C ASN A 100 4.31 16.90 25.26
N ASN A 101 3.39 15.99 25.53
CA ASN A 101 2.24 16.29 26.37
C ASN A 101 2.13 15.32 27.53
N GLY A 102 3.19 14.58 27.84
CA GLY A 102 3.15 13.68 28.98
C GLY A 102 2.26 12.48 28.83
N VAL A 103 1.77 12.17 27.64
CA VAL A 103 0.80 11.10 27.41
C VAL A 103 1.34 10.18 26.32
N CYS A 104 1.40 8.88 26.64
CA CYS A 104 1.68 7.79 25.70
C CYS A 104 2.93 8.14 24.88
N GLY A 105 2.92 7.94 23.56
CA GLY A 105 4.05 8.27 22.74
C GLY A 105 3.73 9.39 21.76
N VAL A 106 4.23 9.30 20.53
CA VAL A 106 3.99 10.34 19.54
C VAL A 106 3.66 9.68 18.21
N GLY A 107 2.87 10.39 17.40
CA GLY A 107 2.67 9.97 16.04
C GLY A 107 3.87 10.30 15.17
N VAL A 108 3.95 9.62 14.02
CA VAL A 108 5.00 9.95 13.06
C VAL A 108 4.91 11.41 12.66
N ALA A 109 3.69 11.90 12.46
CA ALA A 109 3.43 13.26 12.01
C ALA A 109 2.65 13.91 13.14
N TYR A 110 3.37 14.19 14.23
CA TYR A 110 2.70 14.51 15.48
C TYR A 110 2.11 15.92 15.52
N ASN A 111 2.32 16.71 14.48
CA ASN A 111 1.64 18.00 14.32
C ASN A 111 0.67 18.02 13.16
N ALA A 112 0.39 16.88 12.56
CA ALA A 112 -0.60 16.83 11.50
C ALA A 112 -2.00 16.85 12.11
N ARG A 113 -2.99 17.17 11.27
N ARG A 113 -2.98 17.17 11.26
CA ARG A 113 -4.38 17.06 11.66
CA ARG A 113 -4.39 17.06 11.62
C ARG A 113 -4.87 15.66 11.31
C ARG A 113 -4.84 15.65 11.31
N ILE A 114 -5.64 15.07 12.21
CA ILE A 114 -6.04 13.67 12.13
C ILE A 114 -7.56 13.55 12.27
N GLY A 115 -8.19 12.81 11.37
CA GLY A 115 -9.59 12.45 11.49
C GLY A 115 -9.83 10.96 11.36
N GLY A 116 -11.10 10.59 11.46
CA GLY A 116 -11.47 9.22 11.22
C GLY A 116 -12.82 9.09 10.55
N VAL A 117 -12.98 8.10 9.69
CA VAL A 117 -14.26 7.81 9.09
C VAL A 117 -14.73 6.50 9.70
N ARG A 118 -15.85 6.57 10.42
CA ARG A 118 -16.46 5.38 11.02
C ARG A 118 -17.24 4.70 9.92
N MET A 119 -16.66 3.65 9.35
CA MET A 119 -17.32 2.97 8.24
C MET A 119 -17.23 1.45 8.27
N LEU A 120 -16.52 0.84 9.22
CA LEU A 120 -16.43 -0.61 9.32
C LEU A 120 -17.44 -1.19 10.31
N ASP A 121 -18.02 -0.37 11.18
CA ASP A 121 -18.90 -0.86 12.25
C ASP A 121 -20.33 -0.96 11.72
N GLY A 122 -20.53 -1.93 10.84
CA GLY A 122 -21.76 -2.09 10.09
C GLY A 122 -21.47 -2.85 8.81
N GLU A 123 -22.50 -2.96 7.98
CA GLU A 123 -22.33 -3.64 6.71
C GLU A 123 -21.54 -2.72 5.78
N VAL A 124 -20.40 -3.21 5.29
CA VAL A 124 -19.48 -2.41 4.49
C VAL A 124 -19.89 -2.67 3.03
N THR A 125 -20.82 -1.86 2.55
CA THR A 125 -21.17 -1.97 1.14
C THR A 125 -20.25 -1.13 0.27
N ASP A 126 -20.38 -1.33 -1.06
CA ASP A 126 -19.68 -0.53 -2.04
C ASP A 126 -19.97 0.94 -1.83
N ALA A 127 -21.23 1.30 -1.59
CA ALA A 127 -21.56 2.71 -1.34
C ALA A 127 -20.86 3.25 -0.10
N VAL A 128 -20.82 2.44 0.99
CA VAL A 128 -20.11 2.85 2.21
C VAL A 128 -18.64 3.13 1.92
N GLU A 129 -17.98 2.22 1.22
CA GLU A 129 -16.58 2.45 0.87
C GLU A 129 -16.43 3.72 0.05
N ALA A 130 -17.31 3.92 -0.95
CA ALA A 130 -17.19 5.05 -1.85
C ALA A 130 -17.34 6.37 -1.10
N ARG A 131 -18.29 6.43 -0.16
CA ARG A 131 -18.54 7.64 0.58
C ARG A 131 -17.36 7.95 1.50
N SER A 132 -16.63 6.91 1.91
CA SER A 132 -15.49 7.08 2.81
C SER A 132 -14.24 7.51 2.04
N LEU A 133 -13.92 6.80 0.96
CA LEU A 133 -12.81 7.16 0.09
C LEU A 133 -12.98 8.53 -0.55
N GLY A 134 -14.21 8.95 -0.78
CA GLY A 134 -14.45 10.24 -1.39
C GLY A 134 -14.84 11.35 -0.43
N LEU A 135 -14.56 11.16 0.86
CA LEU A 135 -14.89 12.17 1.85
C LEU A 135 -13.98 13.39 1.75
N ASN A 136 -14.59 14.57 1.65
N ASN A 136 -14.58 14.58 1.66
CA ASN A 136 -13.94 15.88 1.68
CA ASN A 136 -13.91 15.87 1.72
C ASN A 136 -12.55 15.84 1.00
C ASN A 136 -12.54 15.84 1.00
N PRO A 137 -12.54 15.50 -0.30
CA PRO A 137 -11.23 15.24 -0.96
C PRO A 137 -10.44 16.50 -1.26
N ASN A 138 -10.97 17.69 -1.04
CA ASN A 138 -10.20 18.92 -1.14
C ASN A 138 -9.71 19.40 0.21
N HIS A 139 -10.02 18.67 1.27
CA HIS A 139 -9.51 18.95 2.61
C HIS A 139 -8.57 17.85 3.10
N ILE A 140 -8.98 16.59 2.98
CA ILE A 140 -8.17 15.46 3.42
C ILE A 140 -7.09 15.23 2.38
N HIS A 141 -5.83 15.12 2.81
CA HIS A 141 -4.74 14.85 1.88
C HIS A 141 -4.48 13.34 1.70
N ILE A 142 -4.52 12.62 2.80
CA ILE A 142 -4.06 11.24 2.87
C ILE A 142 -5.12 10.41 3.56
N TYR A 143 -5.47 9.29 2.96
CA TYR A 143 -6.43 8.32 3.50
C TYR A 143 -5.69 7.02 3.83
N SER A 144 -5.97 6.47 4.99
CA SER A 144 -5.30 5.26 5.48
C SER A 144 -6.36 4.20 5.73
N ALA A 145 -6.15 3.01 5.19
CA ALA A 145 -7.11 1.91 5.28
C ALA A 145 -6.40 0.64 5.71
N SER A 146 -6.60 0.25 6.97
CA SER A 146 -6.11 -1.01 7.52
C SER A 146 -7.20 -2.06 7.57
N TRP A 147 -7.84 -2.27 6.42
CA TRP A 147 -8.92 -3.24 6.26
C TRP A 147 -8.95 -3.66 4.81
N GLY A 148 -9.68 -4.74 4.53
CA GLY A 148 -9.88 -5.17 3.16
C GLY A 148 -10.56 -6.52 3.07
N PRO A 149 -10.49 -7.12 1.88
CA PRO A 149 -11.13 -8.41 1.68
C PRO A 149 -10.55 -9.48 2.58
N GLU A 150 -11.35 -10.50 2.82
CA GLU A 150 -10.98 -11.60 3.70
C GLU A 150 -9.65 -12.20 3.27
N ASP A 151 -8.81 -12.48 4.26
CA ASP A 151 -7.50 -13.12 4.10
C ASP A 151 -7.60 -14.61 4.30
N ASP A 152 -8.65 -15.25 3.78
CA ASP A 152 -8.73 -16.69 3.95
C ASP A 152 -7.90 -17.45 2.91
N GLY A 153 -7.27 -16.75 1.98
CA GLY A 153 -6.43 -17.42 1.03
C GLY A 153 -7.20 -18.04 -0.10
N LYS A 154 -8.49 -17.72 -0.22
CA LYS A 154 -9.31 -18.23 -1.30
C LYS A 154 -10.16 -17.15 -1.97
N THR A 155 -10.15 -15.91 -1.47
CA THR A 155 -10.95 -14.83 -1.99
C THR A 155 -10.22 -14.07 -3.08
N VAL A 156 -10.93 -13.73 -4.15
CA VAL A 156 -10.48 -12.75 -5.12
C VAL A 156 -11.52 -11.63 -5.10
N ASP A 157 -11.13 -10.43 -4.70
CA ASP A 157 -12.14 -9.41 -4.44
C ASP A 157 -11.43 -8.08 -4.44
N GLY A 158 -12.09 -7.05 -4.99
CA GLY A 158 -11.59 -5.71 -5.01
C GLY A 158 -12.73 -4.71 -5.04
N PRO A 159 -12.40 -3.43 -5.26
CA PRO A 159 -13.44 -2.40 -5.25
C PRO A 159 -14.51 -2.69 -6.30
N ALA A 160 -15.76 -2.59 -5.87
CA ALA A 160 -16.86 -2.55 -6.83
C ALA A 160 -16.96 -1.15 -7.46
N ARG A 161 -18.02 -0.90 -8.21
CA ARG A 161 -18.03 0.26 -9.12
C ARG A 161 -17.91 1.59 -8.38
N LEU A 162 -18.72 1.79 -7.33
CA LEU A 162 -18.69 3.10 -6.65
C LEU A 162 -17.33 3.36 -6.03
N ALA A 163 -16.73 2.30 -5.47
CA ALA A 163 -15.44 2.48 -4.82
C ALA A 163 -14.35 2.72 -5.84
N GLU A 164 -14.39 2.02 -6.97
CA GLU A 164 -13.40 2.30 -8.03
C GLU A 164 -13.58 3.71 -8.56
N GLU A 165 -14.82 4.14 -8.74
CA GLU A 165 -15.09 5.50 -9.17
C GLU A 165 -14.52 6.50 -8.16
N ALA A 166 -14.58 6.16 -6.86
CA ALA A 166 -14.04 7.04 -5.83
C ALA A 166 -12.52 7.11 -5.90
N PHE A 167 -11.86 5.98 -6.20
CA PHE A 167 -10.42 6.02 -6.44
C PHE A 167 -10.09 6.92 -7.64
N PHE A 168 -10.79 6.76 -8.75
CA PHE A 168 -10.39 7.55 -9.91
C PHE A 168 -10.66 9.03 -9.67
N ARG A 169 -11.83 9.36 -9.09
CA ARG A 169 -12.14 10.75 -8.78
C ARG A 169 -11.10 11.33 -7.81
N GLY A 170 -10.65 10.52 -6.86
CA GLY A 170 -9.69 11.01 -5.86
C GLY A 170 -8.36 11.33 -6.50
N VAL A 171 -7.84 10.41 -7.32
CA VAL A 171 -6.53 10.68 -7.88
C VAL A 171 -6.59 11.73 -8.96
N SER A 172 -7.77 11.93 -9.58
CA SER A 172 -7.87 12.90 -10.67
C SER A 172 -8.16 14.32 -10.21
N GLN A 173 -9.21 14.50 -9.44
CA GLN A 173 -9.62 15.82 -8.97
C GLN A 173 -9.33 16.09 -7.50
N GLY A 174 -9.00 15.08 -6.70
CA GLY A 174 -8.72 15.32 -5.29
C GLY A 174 -7.45 16.13 -5.08
N ARG A 175 -7.37 16.73 -3.88
CA ARG A 175 -6.24 17.57 -3.47
C ARG A 175 -5.89 18.60 -4.56
N GLY A 176 -6.91 19.30 -5.03
CA GLY A 176 -6.69 20.35 -6.01
C GLY A 176 -6.19 19.85 -7.34
N GLY A 177 -6.54 18.62 -7.70
CA GLY A 177 -6.09 18.00 -8.92
C GLY A 177 -4.77 17.27 -8.81
N LEU A 178 -4.10 17.33 -7.65
CA LEU A 178 -2.85 16.62 -7.48
C LEU A 178 -3.09 15.16 -7.15
N GLY A 179 -4.28 14.84 -6.63
CA GLY A 179 -4.69 13.47 -6.39
C GLY A 179 -4.63 13.04 -4.94
N SER A 180 -5.74 12.51 -4.43
CA SER A 180 -5.76 11.90 -3.10
C SER A 180 -4.69 10.83 -3.00
N ILE A 181 -4.05 10.77 -1.83
CA ILE A 181 -3.10 9.73 -1.51
C ILE A 181 -3.83 8.65 -0.71
N PHE A 182 -3.89 7.44 -1.27
CA PHE A 182 -4.52 6.29 -0.62
C PHE A 182 -3.47 5.27 -0.15
N VAL A 183 -3.40 5.04 1.14
CA VAL A 183 -2.41 4.14 1.72
C VAL A 183 -3.16 2.92 2.21
N TRP A 184 -2.67 1.73 1.86
CA TRP A 184 -3.35 0.48 2.16
C TRP A 184 -2.44 -0.54 2.85
N ALA A 185 -3.02 -1.28 3.80
CA ALA A 185 -2.32 -2.39 4.43
C ALA A 185 -2.41 -3.62 3.55
N SER A 186 -1.25 -4.22 3.25
CA SER A 186 -1.27 -5.27 2.25
C SER A 186 -1.95 -6.57 2.71
N GLY A 187 -2.13 -6.79 4.02
CA GLY A 187 -2.96 -7.92 4.44
C GLY A 187 -2.39 -8.80 5.52
N ASN A 188 -3.24 -9.63 6.14
CA ASN A 188 -2.80 -10.52 7.22
C ASN A 188 -2.86 -11.99 6.82
N GLY A 189 -2.89 -12.33 5.53
CA GLY A 189 -3.16 -13.67 5.05
C GLY A 189 -1.97 -14.60 5.04
N GLY A 190 -0.86 -14.23 5.67
CA GLY A 190 0.33 -15.06 5.53
C GLY A 190 0.13 -16.51 5.93
N ARG A 191 -0.58 -16.76 7.03
CA ARG A 191 -0.78 -18.13 7.50
C ARG A 191 -1.59 -18.94 6.49
N GLU A 192 -2.49 -18.30 5.75
CA GLU A 192 -3.31 -18.96 4.73
C GLU A 192 -2.62 -18.98 3.37
N HIS A 193 -1.35 -18.56 3.28
CA HIS A 193 -0.65 -18.44 2.01
C HIS A 193 -1.42 -17.56 1.01
N ASP A 194 -2.04 -16.51 1.50
CA ASP A 194 -2.75 -15.57 0.64
C ASP A 194 -1.77 -14.80 -0.24
N SER A 195 -2.29 -14.28 -1.35
CA SER A 195 -1.57 -13.38 -2.23
C SER A 195 -2.26 -12.02 -2.22
N CYS A 196 -1.51 -10.97 -1.92
CA CYS A 196 -2.10 -9.63 -1.95
C CYS A 196 -2.38 -9.12 -3.36
N ASN A 197 -2.05 -9.89 -4.41
CA ASN A 197 -2.53 -9.54 -5.74
C ASN A 197 -3.97 -9.99 -5.97
N CYS A 198 -4.51 -10.84 -5.11
CA CYS A 198 -5.91 -11.24 -5.20
C CYS A 198 -6.83 -10.30 -4.44
N ASP A 199 -6.34 -9.13 -4.05
CA ASP A 199 -7.01 -8.11 -3.26
C ASP A 199 -6.97 -6.88 -4.15
N GLY A 200 -8.12 -6.45 -4.66
CA GLY A 200 -8.12 -5.35 -5.61
C GLY A 200 -7.72 -3.99 -5.04
N TYR A 201 -7.81 -3.82 -3.73
CA TYR A 201 -7.48 -2.56 -3.08
C TYR A 201 -5.98 -2.37 -3.03
N THR A 202 -5.27 -3.40 -2.60
CA THR A 202 -3.81 -3.39 -2.58
C THR A 202 -3.23 -3.47 -3.98
N ASN A 203 -3.87 -4.25 -4.85
CA ASN A 203 -3.45 -4.42 -6.23
C ASN A 203 -3.73 -3.20 -7.11
N SER A 204 -4.50 -2.23 -6.64
CA SER A 204 -4.76 -1.02 -7.39
C SER A 204 -3.50 -0.21 -7.59
N ILE A 205 -3.40 0.47 -8.75
CA ILE A 205 -2.27 1.40 -8.92
C ILE A 205 -2.49 2.66 -8.06
N TYR A 206 -3.72 2.92 -7.65
CA TYR A 206 -4.06 4.15 -6.96
C TYR A 206 -3.78 4.11 -5.48
N THR A 207 -3.36 2.96 -4.93
CA THR A 207 -3.04 2.81 -3.52
C THR A 207 -1.57 2.48 -3.35
N LEU A 208 -0.96 3.00 -2.29
CA LEU A 208 0.38 2.59 -1.89
C LEU A 208 0.20 1.42 -0.93
N SER A 209 0.38 0.20 -1.43
CA SER A 209 0.20 -0.98 -0.61
C SER A 209 1.44 -1.23 0.21
N ILE A 210 1.28 -1.36 1.52
CA ILE A 210 2.39 -1.37 2.48
C ILE A 210 2.43 -2.69 3.22
N SER A 211 3.57 -3.37 3.19
CA SER A 211 3.80 -4.60 3.93
C SER A 211 4.61 -4.36 5.21
N SER A 212 4.95 -5.44 5.92
CA SER A 212 5.44 -5.36 7.29
C SER A 212 6.76 -6.08 7.43
N ALA A 213 7.62 -5.56 8.32
CA ALA A 213 8.79 -6.28 8.79
C ALA A 213 8.80 -6.36 10.31
N THR A 214 9.31 -7.47 10.83
CA THR A 214 9.46 -7.58 12.27
C THR A 214 10.69 -6.78 12.74
N GLN A 215 10.78 -6.57 14.06
CA GLN A 215 11.91 -5.81 14.59
C GLN A 215 13.25 -6.38 14.18
N PHE A 216 13.38 -7.71 14.15
CA PHE A 216 14.67 -8.27 13.79
C PHE A 216 14.87 -8.37 12.27
N GLY A 217 13.98 -7.75 11.50
CA GLY A 217 14.15 -7.69 10.06
C GLY A 217 13.63 -8.87 9.28
N ASN A 218 12.61 -9.57 9.80
CA ASN A 218 12.09 -10.74 9.11
C ASN A 218 10.66 -10.52 8.61
N VAL A 219 10.23 -11.44 7.75
CA VAL A 219 8.90 -11.47 7.18
C VAL A 219 7.95 -12.03 8.23
N PRO A 220 7.03 -11.20 8.75
CA PRO A 220 6.16 -11.66 9.83
C PRO A 220 5.29 -12.81 9.37
N TRP A 221 4.77 -13.56 10.35
CA TRP A 221 3.92 -14.71 10.05
C TRP A 221 2.69 -14.33 9.24
N TYR A 222 2.15 -13.12 9.47
CA TYR A 222 0.91 -12.68 8.83
C TYR A 222 1.14 -12.09 7.44
N SER A 223 2.39 -11.87 7.04
CA SER A 223 2.67 -11.13 5.81
C SER A 223 2.23 -11.89 4.57
N GLU A 224 1.63 -11.16 3.63
CA GLU A 224 1.28 -11.69 2.31
C GLU A 224 2.28 -11.20 1.29
N ALA A 225 2.81 -12.11 0.46
CA ALA A 225 3.71 -11.70 -0.61
C ALA A 225 2.90 -11.46 -1.88
N CYS A 226 3.30 -10.45 -2.67
CA CYS A 226 2.75 -10.24 -4.01
C CYS A 226 3.53 -9.11 -4.72
N SER A 227 3.30 -8.99 -6.02
CA SER A 227 4.04 -8.02 -6.82
C SER A 227 3.47 -6.62 -6.74
N SER A 228 2.26 -6.43 -6.19
CA SER A 228 1.68 -5.09 -6.14
C SER A 228 2.15 -4.27 -4.95
N THR A 229 2.76 -4.92 -3.95
CA THR A 229 3.25 -4.20 -2.80
C THR A 229 4.33 -3.24 -3.22
N LEU A 230 4.34 -2.04 -2.61
CA LEU A 230 5.29 -1.01 -3.00
C LEU A 230 6.43 -0.86 -2.00
N ALA A 231 6.15 -1.00 -0.71
CA ALA A 231 7.17 -0.76 0.30
C ALA A 231 6.68 -1.29 1.65
N THR A 232 7.52 -1.08 2.67
CA THR A 232 7.36 -1.72 3.96
C THR A 232 7.52 -0.76 5.13
N THR A 233 6.80 -1.03 6.21
CA THR A 233 7.11 -0.40 7.49
C THR A 233 7.13 -1.48 8.56
N TYR A 234 7.84 -1.21 9.63
CA TYR A 234 7.90 -2.13 10.76
C TYR A 234 6.52 -2.35 11.38
N SER A 235 6.30 -3.56 11.87
CA SER A 235 5.16 -3.86 12.72
C SER A 235 5.60 -4.99 13.65
N SER A 236 4.64 -5.81 14.06
CA SER A 236 4.90 -6.83 15.06
C SER A 236 5.49 -8.10 14.44
N GLY A 237 5.93 -9.00 15.31
CA GLY A 237 6.54 -10.25 14.92
C GLY A 237 6.32 -11.32 16.00
N ASN A 238 7.40 -11.92 16.48
CA ASN A 238 7.25 -12.94 17.52
C ASN A 238 7.26 -12.27 18.89
N GLN A 239 7.16 -13.05 19.94
CA GLN A 239 6.97 -12.45 21.25
C GLN A 239 8.26 -11.99 21.92
N ASN A 240 9.41 -12.22 21.29
CA ASN A 240 10.64 -11.55 21.71
C ASN A 240 10.85 -10.21 20.99
N GLU A 241 10.01 -9.88 20.03
CA GLU A 241 10.17 -8.67 19.24
C GLU A 241 9.17 -7.62 19.72
N LYS A 242 9.60 -6.36 19.75
CA LYS A 242 8.72 -5.30 20.21
C LYS A 242 7.60 -5.02 19.21
N GLN A 243 6.59 -4.26 19.66
CA GLN A 243 5.40 -4.03 18.86
C GLN A 243 5.20 -2.53 18.75
N ILE A 244 4.00 -2.11 18.40
CA ILE A 244 3.73 -0.72 18.07
C ILE A 244 3.01 -0.05 19.23
N VAL A 245 3.42 1.18 19.51
CA VAL A 245 2.94 1.97 20.63
C VAL A 245 1.97 3.02 20.12
N THR A 246 0.77 3.08 20.69
CA THR A 246 -0.23 4.01 20.18
C THR A 246 -1.38 4.20 21.17
N THR A 247 -2.25 5.14 20.79
CA THR A 247 -3.46 5.46 21.51
C THR A 247 -4.46 4.31 21.44
N ASP A 248 -5.07 4.01 22.56
CA ASP A 248 -6.04 2.93 22.63
C ASP A 248 -7.39 3.47 23.07
N LEU A 249 -8.41 2.66 22.86
CA LEU A 249 -9.77 3.00 23.25
C LEU A 249 -9.85 3.24 24.77
N ARG A 250 -10.81 4.07 25.16
CA ARG A 250 -11.03 4.42 26.56
C ARG A 250 -9.86 5.22 27.11
N GLN A 251 -9.24 6.03 26.25
CA GLN A 251 -8.25 7.02 26.64
C GLN A 251 -6.99 6.39 27.20
N LYS A 252 -6.68 5.18 26.74
CA LYS A 252 -5.56 4.42 27.22
C LYS A 252 -4.42 4.47 26.21
N CYS A 253 -3.29 3.88 26.60
CA CYS A 253 -2.09 3.74 25.79
C CYS A 253 -1.81 2.24 25.65
N THR A 254 -1.45 1.81 24.45
CA THR A 254 -1.11 0.42 24.22
C THR A 254 0.30 0.34 23.66
N GLU A 255 1.03 -0.69 24.06
CA GLU A 255 2.30 -1.03 23.45
C GLU A 255 2.23 -2.35 22.65
N SER A 256 1.03 -2.80 22.32
CA SER A 256 0.85 -4.07 21.63
C SER A 256 -0.11 -3.97 20.44
N HIS A 257 0.00 -2.91 19.65
CA HIS A 257 -0.61 -2.85 18.33
C HIS A 257 0.24 -3.65 17.35
N THR A 258 -0.43 -4.36 16.45
CA THR A 258 0.23 -5.46 15.74
C THR A 258 -0.33 -5.59 14.33
N GLY A 259 0.32 -6.45 13.52
CA GLY A 259 -0.21 -6.89 12.23
C GLY A 259 -0.04 -5.89 11.09
N THR A 260 -0.56 -6.28 9.93
CA THR A 260 -0.60 -5.37 8.80
C THR A 260 -1.28 -4.07 9.16
N SER A 261 -2.23 -4.12 10.10
CA SER A 261 -2.98 -2.92 10.46
C SER A 261 -2.05 -1.78 10.89
N ALA A 262 -0.93 -2.11 11.52
CA ALA A 262 -0.07 -1.06 12.07
C ALA A 262 0.88 -0.49 11.04
N SER A 263 1.10 -1.17 9.91
CA SER A 263 2.08 -0.72 8.93
C SER A 263 1.58 0.43 8.08
N ALA A 264 0.32 0.37 7.61
CA ALA A 264 -0.18 1.42 6.75
C ALA A 264 -0.20 2.77 7.45
N PRO A 265 -0.60 2.87 8.72
CA PRO A 265 -0.63 4.21 9.37
C PRO A 265 0.75 4.81 9.51
N LEU A 266 1.77 3.98 9.72
CA LEU A 266 3.11 4.52 9.80
C LEU A 266 3.55 5.07 8.45
N ALA A 267 3.19 4.37 7.37
CA ALA A 267 3.48 4.91 6.05
C ALA A 267 2.70 6.19 5.79
N ALA A 268 1.45 6.25 6.23
CA ALA A 268 0.65 7.46 6.04
C ALA A 268 1.27 8.65 6.79
N GLY A 269 1.84 8.39 7.96
CA GLY A 269 2.52 9.45 8.67
C GLY A 269 3.75 9.95 7.93
N ILE A 270 4.58 9.01 7.46
CA ILE A 270 5.78 9.39 6.71
C ILE A 270 5.39 10.17 5.46
N ILE A 271 4.32 9.75 4.78
CA ILE A 271 3.85 10.49 3.62
C ILE A 271 3.36 11.87 4.00
N ALA A 272 2.77 12.01 5.19
CA ALA A 272 2.35 13.33 5.64
C ALA A 272 3.56 14.26 5.82
N LEU A 273 4.64 13.76 6.45
CA LEU A 273 5.86 14.58 6.55
C LEU A 273 6.36 14.96 5.16
N THR A 274 6.28 14.03 4.22
CA THR A 274 6.78 14.26 2.86
C THR A 274 5.96 15.34 2.15
N LEU A 275 4.63 15.29 2.31
CA LEU A 275 3.77 16.33 1.74
C LEU A 275 4.05 17.70 2.38
N GLU A 276 4.36 17.75 3.67
CA GLU A 276 4.75 19.04 4.25
C GLU A 276 5.99 19.60 3.58
N ALA A 277 6.94 18.72 3.24
CA ALA A 277 8.16 19.14 2.58
C ALA A 277 7.91 19.61 1.15
N ASN A 278 6.80 19.18 0.53
CA ASN A 278 6.49 19.66 -0.83
C ASN A 278 4.99 19.43 -1.06
N LYS A 279 4.18 20.45 -0.84
CA LYS A 279 2.74 20.27 -0.94
C LYS A 279 2.28 20.07 -2.37
N ASN A 280 3.16 20.31 -3.35
CA ASN A 280 2.80 20.22 -4.76
C ASN A 280 2.96 18.82 -5.32
N LEU A 281 3.28 17.85 -4.49
CA LEU A 281 3.54 16.50 -4.98
C LEU A 281 2.23 15.85 -5.43
N THR A 282 2.27 15.17 -6.58
CA THR A 282 1.11 14.46 -7.07
C THR A 282 1.04 13.06 -6.47
N TRP A 283 -0.11 12.40 -6.67
CA TRP A 283 -0.26 11.04 -6.17
C TRP A 283 0.80 10.13 -6.78
N ARG A 284 1.15 10.37 -8.05
CA ARG A 284 2.21 9.58 -8.68
C ARG A 284 3.61 10.00 -8.21
N ASP A 285 3.84 11.32 -8.07
CA ASP A 285 5.08 11.78 -7.44
C ASP A 285 5.38 10.98 -6.17
N MET A 286 4.35 10.81 -5.32
CA MET A 286 4.58 10.19 -4.01
C MET A 286 5.07 8.75 -4.18
N GLN A 287 4.53 8.04 -5.17
CA GLN A 287 4.95 6.68 -5.38
C GLN A 287 6.39 6.65 -5.92
N HIS A 288 6.77 7.61 -6.77
CA HIS A 288 8.15 7.68 -7.25
C HIS A 288 9.11 7.90 -6.09
N LEU A 289 8.76 8.82 -5.16
CA LEU A 289 9.59 9.06 -3.99
C LEU A 289 9.79 7.79 -3.17
N VAL A 290 8.70 7.06 -2.92
CA VAL A 290 8.78 5.82 -2.16
C VAL A 290 9.69 4.82 -2.84
N VAL A 291 9.54 4.65 -4.16
CA VAL A 291 10.39 3.72 -4.91
C VAL A 291 11.86 4.11 -4.80
N GLN A 292 12.17 5.40 -4.98
CA GLN A 292 13.56 5.82 -5.01
C GLN A 292 14.22 5.79 -3.63
N THR A 293 13.46 6.00 -2.56
CA THR A 293 14.11 6.20 -1.25
C THR A 293 14.02 5.02 -0.30
N SER A 294 13.20 4.00 -0.59
CA SER A 294 13.01 2.90 0.36
C SER A 294 14.25 2.01 0.38
N LYS A 295 14.44 1.34 1.52
CA LYS A 295 15.72 0.72 1.82
C LYS A 295 15.58 -0.78 2.04
N PRO A 296 16.21 -1.60 1.19
CA PRO A 296 16.17 -3.06 1.43
C PRO A 296 17.02 -3.51 2.59
N ALA A 297 18.03 -2.73 2.95
CA ALA A 297 19.15 -3.24 3.74
C ALA A 297 18.67 -3.96 5.01
N HIS A 298 19.17 -5.18 5.17
CA HIS A 298 18.97 -6.01 6.37
C HIS A 298 17.55 -6.55 6.53
N LEU A 299 16.65 -6.25 5.60
CA LEU A 299 15.40 -7.00 5.57
C LEU A 299 15.68 -8.35 4.98
N ASN A 300 15.32 -9.42 5.70
CA ASN A 300 15.60 -10.78 5.27
C ASN A 300 14.45 -11.37 4.44
N ALA A 301 14.80 -11.87 3.25
CA ALA A 301 13.87 -12.52 2.35
C ALA A 301 14.70 -13.39 1.42
N ASN A 302 14.10 -14.46 0.93
CA ASN A 302 14.83 -15.32 0.00
C ASN A 302 14.57 -14.97 -1.46
N ASP A 303 13.83 -13.90 -1.76
CA ASP A 303 13.47 -13.57 -3.14
C ASP A 303 13.94 -12.19 -3.57
N TRP A 304 14.88 -11.57 -2.84
CA TRP A 304 15.39 -10.28 -3.29
C TRP A 304 15.94 -10.42 -4.71
N ALA A 305 15.54 -9.52 -5.61
CA ALA A 305 16.02 -9.52 -6.98
C ALA A 305 16.32 -8.08 -7.40
N THR A 306 17.33 -7.93 -8.25
CA THR A 306 17.67 -6.62 -8.77
C THR A 306 16.96 -6.41 -10.10
N ASN A 307 16.20 -5.33 -10.22
CA ASN A 307 15.40 -5.14 -11.42
C ASN A 307 16.26 -4.48 -12.50
N GLY A 308 15.61 -3.99 -13.56
CA GLY A 308 16.39 -3.58 -14.72
C GLY A 308 17.05 -2.24 -14.57
N VAL A 309 16.68 -1.48 -13.54
CA VAL A 309 17.33 -0.21 -13.25
C VAL A 309 18.15 -0.30 -11.97
N GLY A 310 18.52 -1.51 -11.56
CA GLY A 310 19.44 -1.66 -10.46
C GLY A 310 18.86 -1.60 -9.07
N ARG A 311 17.54 -1.60 -8.91
CA ARG A 311 16.93 -1.50 -7.60
C ARG A 311 16.57 -2.90 -7.10
N LYS A 312 16.84 -3.15 -5.83
CA LYS A 312 16.46 -4.40 -5.20
C LYS A 312 14.97 -4.37 -4.85
N VAL A 313 14.28 -5.46 -5.12
CA VAL A 313 12.83 -5.54 -4.93
C VAL A 313 12.45 -6.95 -4.51
N SER A 314 11.50 -7.05 -3.58
CA SER A 314 11.05 -8.31 -3.01
C SER A 314 9.53 -8.36 -3.00
N HIS A 315 8.98 -9.57 -3.12
CA HIS A 315 7.52 -9.68 -3.05
C HIS A 315 7.00 -9.56 -1.64
N SER A 316 7.86 -9.72 -0.65
CA SER A 316 7.48 -9.55 0.74
C SER A 316 7.55 -8.09 1.16
N TYR A 317 8.41 -7.29 0.51
CA TYR A 317 8.71 -5.96 0.99
C TYR A 317 8.61 -4.85 -0.03
N GLY A 318 8.32 -5.16 -1.28
CA GLY A 318 8.41 -4.12 -2.29
C GLY A 318 9.84 -3.64 -2.39
N TYR A 319 10.04 -2.33 -2.43
CA TYR A 319 11.35 -1.72 -2.49
C TYR A 319 12.03 -1.58 -1.12
N GLY A 320 11.43 -2.09 -0.07
CA GLY A 320 12.05 -2.10 1.23
C GLY A 320 11.38 -1.16 2.22
N LEU A 321 12.11 -0.86 3.30
CA LEU A 321 11.58 -0.08 4.40
C LEU A 321 11.48 1.40 4.01
N LEU A 322 10.38 2.05 4.37
CA LEU A 322 10.34 3.50 4.18
C LEU A 322 11.44 4.18 5.00
N ASP A 323 11.90 5.32 4.50
CA ASP A 323 12.97 6.12 5.09
C ASP A 323 12.50 7.57 5.07
N ALA A 324 11.97 8.02 6.21
CA ALA A 324 11.32 9.33 6.30
C ALA A 324 12.29 10.45 5.98
N GLY A 325 13.50 10.39 6.54
CA GLY A 325 14.46 11.45 6.28
C GLY A 325 14.80 11.58 4.81
N ALA A 326 14.97 10.44 4.13
CA ALA A 326 15.28 10.47 2.70
C ALA A 326 14.09 10.96 1.91
N MET A 327 12.88 10.53 2.31
CA MET A 327 11.66 10.99 1.64
C MET A 327 11.57 12.51 1.67
N VAL A 328 11.68 13.12 2.86
CA VAL A 328 11.46 14.57 2.98
C VAL A 328 12.58 15.32 2.26
N ALA A 329 13.80 14.80 2.33
CA ALA A 329 14.90 15.45 1.65
C ALA A 329 14.70 15.44 0.14
N LEU A 330 14.32 14.28 -0.41
CA LEU A 330 14.16 14.19 -1.85
C LEU A 330 12.93 14.96 -2.33
N ALA A 331 11.90 15.07 -1.48
CA ALA A 331 10.68 15.77 -1.89
C ALA A 331 10.94 17.24 -2.20
N GLN A 332 11.87 17.87 -1.51
CA GLN A 332 11.89 19.33 -1.49
C GLN A 332 12.14 19.93 -2.87
N ASN A 333 13.09 19.39 -3.62
CA ASN A 333 13.36 19.89 -4.96
C ASN A 333 12.83 18.95 -6.05
N TRP A 334 11.86 18.10 -5.71
CA TRP A 334 11.32 17.14 -6.66
C TRP A 334 10.65 17.86 -7.82
N THR A 335 10.97 17.44 -9.04
CA THR A 335 10.32 17.91 -10.26
C THR A 335 9.12 17.03 -10.59
N THR A 336 7.95 17.64 -10.65
CA THR A 336 6.73 16.91 -10.95
C THR A 336 6.90 15.99 -12.14
N VAL A 337 6.38 14.78 -12.05
CA VAL A 337 6.50 13.85 -13.16
C VAL A 337 5.55 14.26 -14.29
N ALA A 338 5.86 13.79 -15.50
CA ALA A 338 5.03 14.10 -16.65
C ALA A 338 3.67 13.42 -16.51
N PRO A 339 2.67 13.86 -17.28
CA PRO A 339 1.35 13.24 -17.18
C PRO A 339 1.44 11.76 -17.49
N GLN A 340 0.55 10.99 -16.88
CA GLN A 340 0.59 9.54 -16.97
C GLN A 340 0.07 9.10 -18.33
N ARG A 341 0.83 8.26 -18.99
CA ARG A 341 0.43 7.64 -20.25
C ARG A 341 0.01 6.20 -19.98
N LYS A 342 -0.80 5.65 -20.86
CA LYS A 342 -1.36 4.30 -20.72
C LYS A 342 -1.32 3.64 -22.09
N CYS A 343 -0.57 2.54 -22.22
CA CYS A 343 -0.41 1.83 -23.48
C CYS A 343 -1.04 0.46 -23.28
N ILE A 344 -2.08 0.18 -24.05
CA ILE A 344 -2.88 -1.04 -23.95
C ILE A 344 -2.42 -2.00 -25.03
N ILE A 345 -1.98 -3.19 -24.68
CA ILE A 345 -1.54 -4.18 -25.65
C ILE A 345 -2.35 -5.45 -25.45
N ASP A 346 -3.20 -5.77 -26.43
CA ASP A 346 -3.97 -7.02 -26.40
C ASP A 346 -3.07 -8.11 -26.98
N ILE A 347 -2.69 -9.08 -26.15
CA ILE A 347 -1.58 -9.96 -26.47
C ILE A 347 -2.05 -11.13 -27.33
N LEU A 348 -3.20 -11.74 -27.02
CA LEU A 348 -3.55 -13.03 -27.62
C LEU A 348 -4.24 -12.90 -28.98
N THR A 349 -3.90 -13.80 -29.91
CA THR A 349 -4.67 -13.91 -31.14
C THR A 349 -5.68 -15.06 -31.13
N GLU A 350 -5.63 -15.92 -30.11
CA GLU A 350 -6.54 -17.05 -29.96
C GLU A 350 -6.46 -17.56 -28.52
N PRO A 351 -7.50 -18.19 -27.98
CA PRO A 351 -7.38 -18.77 -26.63
C PRO A 351 -6.29 -19.82 -26.63
N LYS A 352 -5.78 -20.09 -25.44
CA LYS A 352 -4.68 -21.02 -25.18
C LYS A 352 -5.05 -21.93 -24.04
N ASP A 353 -4.93 -23.24 -24.27
N ASP A 353 -4.90 -23.24 -24.27
CA ASP A 353 -5.12 -24.20 -23.19
CA ASP A 353 -5.04 -24.23 -23.22
C ASP A 353 -3.95 -24.10 -22.21
C ASP A 353 -3.92 -24.06 -22.21
N ILE A 354 -4.27 -24.11 -20.93
CA ILE A 354 -3.23 -23.98 -19.91
C ILE A 354 -2.52 -25.32 -19.69
N GLY A 355 -3.28 -26.40 -19.48
CA GLY A 355 -2.62 -27.67 -19.21
C GLY A 355 -1.70 -27.59 -18.01
N LYS A 356 -0.54 -28.26 -18.13
CA LYS A 356 0.41 -28.27 -17.03
C LYS A 356 1.24 -26.99 -16.99
N ARG A 357 1.42 -26.35 -18.15
CA ARG A 357 2.25 -25.17 -18.23
C ARG A 357 1.94 -24.45 -19.53
N LEU A 358 1.82 -23.14 -19.46
CA LEU A 358 1.62 -22.29 -20.62
C LEU A 358 2.60 -21.13 -20.51
N GLU A 359 3.30 -20.87 -21.61
CA GLU A 359 4.16 -19.71 -21.73
C GLU A 359 3.70 -18.90 -22.94
N VAL A 360 3.49 -17.60 -22.74
CA VAL A 360 3.05 -16.69 -23.80
C VAL A 360 4.12 -15.60 -23.90
N ARG A 361 4.78 -15.56 -25.05
CA ARG A 361 5.82 -14.57 -25.31
C ARG A 361 5.30 -13.56 -26.32
N LYS A 362 5.55 -12.28 -26.06
CA LYS A 362 5.12 -11.25 -26.98
C LYS A 362 6.11 -10.09 -26.96
N THR A 363 6.61 -9.69 -28.13
CA THR A 363 7.45 -8.51 -28.26
C THR A 363 6.58 -7.30 -28.52
N VAL A 364 6.70 -6.26 -27.69
CA VAL A 364 5.87 -5.08 -27.82
C VAL A 364 6.74 -3.86 -28.12
N THR A 365 6.11 -2.84 -28.68
CA THR A 365 6.78 -1.58 -28.93
C THR A 365 6.36 -0.49 -27.96
N ALA A 366 5.39 -0.78 -27.09
CA ALA A 366 4.96 0.13 -26.02
C ALA A 366 4.47 1.45 -26.61
N CYS A 367 3.64 1.33 -27.65
CA CYS A 367 2.97 2.47 -28.30
C CYS A 367 3.96 3.42 -28.95
N LEU A 368 5.07 2.87 -29.44
CA LEU A 368 5.99 3.64 -30.26
C LEU A 368 5.27 4.44 -31.34
N GLY A 369 5.70 5.67 -31.51
CA GLY A 369 5.13 6.59 -32.48
C GLY A 369 3.87 7.29 -32.07
N GLU A 370 3.34 7.02 -30.88
CA GLU A 370 2.04 7.50 -30.48
C GLU A 370 2.18 8.36 -29.23
N PRO A 371 1.16 9.15 -28.91
CA PRO A 371 1.27 10.02 -27.73
C PRO A 371 1.34 9.27 -26.40
N ASN A 372 0.95 8.01 -26.38
CA ASN A 372 1.04 7.20 -25.17
C ASN A 372 2.27 6.29 -25.18
N HIS A 373 3.24 6.57 -26.01
CA HIS A 373 4.55 5.90 -25.97
C HIS A 373 5.17 5.99 -24.58
N ILE A 374 5.55 4.83 -24.04
CA ILE A 374 6.14 4.74 -22.71
C ILE A 374 7.54 4.16 -22.83
N THR A 375 8.53 4.93 -22.42
CA THR A 375 9.90 4.44 -22.23
C THR A 375 10.28 4.31 -20.77
N ARG A 376 9.43 4.78 -19.86
CA ARG A 376 9.70 4.80 -18.41
C ARG A 376 8.47 4.27 -17.72
N LEU A 377 8.49 2.98 -17.40
CA LEU A 377 7.34 2.32 -16.82
C LEU A 377 7.11 2.75 -15.36
N GLU A 378 5.85 2.79 -14.97
CA GLU A 378 5.49 2.92 -13.55
C GLU A 378 4.88 1.56 -13.24
N HIS A 379 3.56 1.47 -13.06
CA HIS A 379 2.89 0.19 -12.87
C HIS A 379 2.69 -0.52 -14.21
N ALA A 380 2.66 -1.86 -14.13
CA ALA A 380 2.26 -2.68 -15.25
C ALA A 380 1.22 -3.68 -14.77
N GLN A 381 0.26 -3.98 -15.63
CA GLN A 381 -0.78 -4.94 -15.32
C GLN A 381 -0.84 -6.00 -16.40
N ALA A 382 -1.05 -7.25 -15.98
CA ALA A 382 -1.43 -8.35 -16.86
C ALA A 382 -2.89 -8.63 -16.51
N ARG A 383 -3.80 -8.14 -17.33
CA ARG A 383 -5.24 -8.34 -17.14
C ARG A 383 -5.57 -9.68 -17.79
N LEU A 384 -5.87 -10.67 -16.97
CA LEU A 384 -6.06 -12.03 -17.43
C LEU A 384 -7.51 -12.48 -17.28
N THR A 385 -8.02 -13.14 -18.32
CA THR A 385 -9.30 -13.83 -18.28
C THR A 385 -9.02 -15.29 -18.58
N LEU A 386 -9.35 -16.16 -17.64
CA LEU A 386 -9.03 -17.58 -17.81
C LEU A 386 -9.99 -18.43 -17.02
N SER A 387 -10.21 -19.65 -17.48
CA SER A 387 -10.94 -20.65 -16.73
C SER A 387 -9.94 -21.67 -16.20
N TYR A 388 -10.26 -22.25 -15.05
CA TYR A 388 -9.44 -23.33 -14.48
C TYR A 388 -10.29 -24.08 -13.46
N ASN A 389 -9.98 -25.35 -13.27
CA ASN A 389 -10.80 -26.15 -12.38
C ASN A 389 -10.45 -25.96 -10.90
N ARG A 390 -9.19 -25.68 -10.55
CA ARG A 390 -8.84 -25.39 -9.15
C ARG A 390 -7.87 -24.20 -9.15
N ARG A 391 -8.39 -23.00 -8.91
CA ARG A 391 -7.62 -21.78 -9.11
C ARG A 391 -6.32 -21.80 -8.32
N GLY A 392 -6.35 -22.29 -7.08
CA GLY A 392 -5.21 -22.15 -6.20
C GLY A 392 -4.01 -23.00 -6.57
N ASP A 393 -4.18 -23.90 -7.52
CA ASP A 393 -3.01 -24.61 -8.02
C ASP A 393 -2.23 -23.80 -9.06
N LEU A 394 -2.76 -22.69 -9.53
CA LEU A 394 -2.05 -21.87 -10.50
C LEU A 394 -0.93 -21.05 -9.87
N ALA A 395 0.20 -20.99 -10.55
CA ALA A 395 1.19 -19.94 -10.32
C ALA A 395 1.42 -19.18 -11.60
N ILE A 396 1.48 -17.85 -11.50
CA ILE A 396 1.54 -16.98 -12.67
C ILE A 396 2.71 -16.04 -12.49
N HIS A 397 3.58 -16.00 -13.50
CA HIS A 397 4.72 -15.09 -13.48
C HIS A 397 4.73 -14.26 -14.75
N LEU A 398 5.28 -13.05 -14.65
CA LEU A 398 5.42 -12.11 -15.77
C LEU A 398 6.85 -11.59 -15.78
N VAL A 399 7.54 -11.76 -16.91
CA VAL A 399 8.91 -11.35 -17.06
C VAL A 399 8.98 -10.14 -17.99
N SER A 400 9.63 -9.08 -17.53
CA SER A 400 9.72 -7.86 -18.33
C SER A 400 10.87 -7.98 -19.33
N PRO A 401 10.87 -7.10 -20.36
CA PRO A 401 12.01 -7.09 -21.30
C PRO A 401 13.37 -6.92 -20.64
N MET A 402 13.43 -6.25 -19.48
N MET A 402 13.45 -6.24 -19.49
CA MET A 402 14.70 -6.10 -18.77
CA MET A 402 14.72 -6.09 -18.80
C MET A 402 15.02 -7.29 -17.88
C MET A 402 14.99 -7.26 -17.84
N GLY A 403 14.22 -8.35 -17.95
CA GLY A 403 14.52 -9.57 -17.24
C GLY A 403 14.00 -9.66 -15.82
N THR A 404 13.10 -8.78 -15.42
CA THR A 404 12.57 -8.78 -14.06
C THR A 404 11.35 -9.70 -13.98
N ARG A 405 11.47 -10.75 -13.17
CA ARG A 405 10.43 -11.76 -13.04
C ARG A 405 9.51 -11.38 -11.88
N SER A 406 8.29 -11.03 -12.21
CA SER A 406 7.27 -10.70 -11.21
C SER A 406 6.38 -11.91 -11.00
N THR A 407 6.21 -12.32 -9.75
CA THR A 407 5.20 -13.32 -9.41
C THR A 407 3.85 -12.62 -9.32
N LEU A 408 3.01 -12.82 -10.32
CA LEU A 408 1.68 -12.23 -10.27
C LEU A 408 0.77 -13.02 -9.33
N LEU A 409 1.03 -14.32 -9.21
CA LEU A 409 0.18 -15.18 -8.40
C LEU A 409 0.99 -16.39 -7.99
N ALA A 410 1.16 -16.60 -6.69
CA ALA A 410 1.72 -17.83 -6.17
C ALA A 410 0.59 -18.80 -5.84
N ALA A 411 0.95 -20.07 -5.63
CA ALA A 411 -0.04 -21.07 -5.27
C ALA A 411 -0.79 -20.65 -4.00
N ARG A 412 -2.11 -20.90 -3.99
CA ARG A 412 -2.97 -20.62 -2.83
C ARG A 412 -3.64 -21.95 -2.49
N PRO A 413 -3.06 -22.70 -1.56
CA PRO A 413 -3.56 -24.07 -1.32
C PRO A 413 -5.03 -24.13 -0.96
N HIS A 414 -5.57 -23.11 -0.28
CA HIS A 414 -6.97 -23.12 0.11
C HIS A 414 -7.91 -22.71 -1.02
N ASP A 415 -7.39 -22.18 -2.13
CA ASP A 415 -8.26 -21.64 -3.18
C ASP A 415 -8.71 -22.80 -4.08
N TYR A 416 -9.86 -23.37 -3.74
CA TYR A 416 -10.46 -24.45 -4.50
C TYR A 416 -11.32 -23.97 -5.66
N SER A 417 -11.45 -22.67 -5.89
CA SER A 417 -12.50 -22.15 -6.75
C SER A 417 -12.37 -22.67 -8.17
N ALA A 418 -13.51 -22.92 -8.80
CA ALA A 418 -13.53 -23.20 -10.22
C ALA A 418 -13.94 -21.99 -11.05
N ASP A 419 -13.94 -20.80 -10.46
CA ASP A 419 -14.43 -19.61 -11.14
C ASP A 419 -13.35 -18.87 -11.92
N GLY A 420 -12.11 -19.33 -11.85
CA GLY A 420 -11.05 -18.68 -12.63
C GLY A 420 -10.91 -17.20 -12.33
N PHE A 421 -10.41 -16.46 -13.33
CA PHE A 421 -10.16 -15.03 -13.22
C PHE A 421 -10.89 -14.32 -14.36
N ASN A 422 -11.64 -13.29 -14.03
CA ASN A 422 -12.45 -12.58 -15.02
C ASN A 422 -11.88 -11.18 -15.20
N ASP A 423 -10.97 -11.04 -16.18
CA ASP A 423 -10.25 -9.80 -16.44
C ASP A 423 -9.64 -9.22 -15.17
N TRP A 424 -8.93 -10.07 -14.43
CA TRP A 424 -8.31 -9.65 -13.19
C TRP A 424 -7.00 -8.98 -13.52
N ALA A 425 -6.81 -7.74 -13.04
CA ALA A 425 -5.66 -6.92 -13.42
C ALA A 425 -4.49 -7.07 -12.44
N PHE A 426 -3.81 -8.20 -12.54
CA PHE A 426 -2.63 -8.46 -11.72
C PHE A 426 -1.61 -7.36 -11.95
N MET A 427 -1.12 -6.76 -10.87
CA MET A 427 -0.26 -5.58 -11.02
C MET A 427 1.11 -5.84 -10.42
N THR A 428 2.15 -5.33 -11.08
CA THR A 428 3.48 -5.35 -10.50
C THR A 428 4.08 -3.95 -10.45
N THR A 429 4.79 -3.70 -9.35
CA THR A 429 5.58 -2.52 -9.16
C THR A 429 7.04 -2.78 -9.44
N HIS A 430 7.42 -4.03 -9.75
CA HIS A 430 8.83 -4.40 -9.73
C HIS A 430 9.62 -3.92 -10.95
N SER A 431 8.96 -3.41 -11.98
CA SER A 431 9.62 -2.96 -13.21
C SER A 431 9.54 -1.44 -13.34
N TRP A 432 9.21 -0.77 -12.25
CA TRP A 432 9.24 0.68 -12.19
C TRP A 432 10.55 1.25 -12.73
N ASP A 433 10.40 2.21 -13.64
CA ASP A 433 11.45 2.97 -14.30
C ASP A 433 12.14 2.16 -15.40
N GLU A 434 11.74 0.91 -15.65
CA GLU A 434 12.29 0.17 -16.78
C GLU A 434 11.66 0.64 -18.08
N ASP A 435 12.41 0.43 -19.19
CA ASP A 435 11.87 0.58 -20.53
C ASP A 435 11.06 -0.66 -20.84
N PRO A 436 9.76 -0.55 -21.11
CA PRO A 436 8.93 -1.74 -21.32
C PRO A 436 8.90 -2.22 -22.76
N SER A 437 9.69 -1.66 -23.67
CA SER A 437 9.76 -2.11 -25.04
C SER A 437 10.49 -3.43 -25.09
N GLY A 438 10.05 -4.33 -25.93
CA GLY A 438 10.72 -5.63 -26.05
C GLY A 438 9.84 -6.81 -25.69
N GLU A 439 10.49 -7.93 -25.31
CA GLU A 439 9.78 -9.18 -25.08
C GLU A 439 9.26 -9.27 -23.64
N TRP A 440 7.94 -9.47 -23.52
CA TRP A 440 7.28 -9.80 -22.26
C TRP A 440 6.99 -11.29 -22.30
N VAL A 441 7.10 -11.96 -21.15
CA VAL A 441 6.78 -13.38 -21.04
C VAL A 441 5.81 -13.58 -19.89
N LEU A 442 4.68 -14.25 -20.16
CA LEU A 442 3.73 -14.70 -19.16
C LEU A 442 3.82 -16.22 -19.03
N GLU A 443 3.95 -16.68 -17.80
CA GLU A 443 4.03 -18.10 -17.47
C GLU A 443 2.87 -18.41 -16.56
N ILE A 444 2.07 -19.40 -16.95
CA ILE A 444 1.01 -19.95 -16.12
C ILE A 444 1.31 -21.43 -15.94
N GLU A 445 1.42 -21.88 -14.69
CA GLU A 445 1.71 -23.28 -14.48
C GLU A 445 0.83 -23.89 -13.39
N ASN A 446 0.61 -25.19 -13.55
CA ASN A 446 -0.04 -26.01 -12.54
C ASN A 446 1.02 -26.48 -11.55
N THR A 447 0.93 -25.98 -10.31
CA THR A 447 1.91 -26.35 -9.28
C THR A 447 1.57 -27.66 -8.59
N SER A 448 0.48 -28.32 -8.96
CA SER A 448 0.09 -29.55 -8.32
C SER A 448 0.29 -30.72 -9.27
N GLU A 449 0.23 -31.92 -8.71
CA GLU A 449 0.27 -33.13 -9.52
C GLU A 449 -1.07 -33.48 -10.13
N ALA A 450 -2.14 -32.75 -9.80
CA ALA A 450 -3.46 -33.08 -10.31
C ALA A 450 -3.56 -32.76 -11.80
N ASN A 451 -4.45 -33.48 -12.46
CA ASN A 451 -4.69 -33.25 -13.89
C ASN A 451 -5.70 -32.12 -14.10
N ASN A 452 -5.24 -30.90 -13.90
CA ASN A 452 -6.10 -29.74 -13.96
C ASN A 452 -6.23 -29.28 -15.41
N TYR A 453 -7.23 -28.44 -15.66
CA TYR A 453 -7.54 -28.06 -17.03
C TYR A 453 -8.19 -26.68 -17.05
N GLY A 454 -7.89 -25.94 -18.11
CA GLY A 454 -8.52 -24.66 -18.33
C GLY A 454 -7.91 -23.98 -19.54
N THR A 455 -8.34 -22.76 -19.77
CA THR A 455 -8.01 -22.00 -20.97
C THR A 455 -7.82 -20.53 -20.62
N LEU A 456 -6.75 -19.95 -21.14
CA LEU A 456 -6.54 -18.50 -21.10
C LEU A 456 -7.18 -17.88 -22.32
N THR A 457 -8.18 -17.03 -22.12
CA THR A 457 -8.87 -16.44 -23.26
C THR A 457 -8.55 -14.98 -23.51
N LYS A 458 -7.97 -14.26 -22.55
CA LYS A 458 -7.56 -12.88 -22.80
C LYS A 458 -6.36 -12.55 -21.93
N PHE A 459 -5.41 -11.86 -22.53
CA PHE A 459 -4.24 -11.32 -21.84
C PHE A 459 -4.00 -9.92 -22.39
N THR A 460 -4.38 -8.91 -21.59
CA THR A 460 -4.12 -7.50 -21.93
C THR A 460 -2.94 -7.04 -21.09
N LEU A 461 -1.86 -6.63 -21.74
CA LEU A 461 -0.76 -5.99 -21.04
C LEU A 461 -1.04 -4.49 -21.05
N VAL A 462 -1.18 -3.91 -19.86
CA VAL A 462 -1.43 -2.49 -19.69
C VAL A 462 -0.20 -1.87 -19.04
N LEU A 463 0.40 -0.93 -19.74
CA LEU A 463 1.58 -0.24 -19.25
C LEU A 463 1.20 1.19 -18.91
N TYR A 464 1.66 1.66 -17.75
CA TYR A 464 1.52 3.04 -17.34
C TYR A 464 2.90 3.66 -17.19
N GLY A 465 3.00 4.95 -17.51
CA GLY A 465 4.28 5.63 -17.30
C GLY A 465 4.43 6.86 -18.18
N THR A 466 5.68 7.19 -18.49
CA THR A 466 6.03 8.41 -19.19
C THR A 466 7.09 8.11 -20.23
N ALA A 467 7.57 9.16 -20.90
CA ALA A 467 8.64 9.05 -21.87
C ALA A 467 9.76 10.06 -21.59
N SER A 468 9.99 10.37 -20.33
CA SER A 468 11.01 11.37 -20.00
C SER A 468 11.42 11.25 -18.54
N GLY A 469 12.62 11.77 -18.25
CA GLY A 469 13.00 12.07 -16.88
C GLY A 469 13.73 10.99 -16.13
N SER A 470 14.34 10.03 -16.81
CA SER A 470 14.94 8.90 -16.12
C SER A 470 16.22 9.28 -15.39
N LEU A 471 16.52 8.51 -14.33
CA LEU A 471 17.77 8.61 -13.58
C LEU A 471 18.74 7.56 -14.09
N VAL A 472 20.03 7.85 -13.93
CA VAL A 472 21.01 6.77 -14.17
C VAL A 472 20.71 5.60 -13.23
N PRO A 473 20.63 4.37 -13.75
CA PRO A 473 20.28 3.23 -12.89
C PRO A 473 21.20 3.12 -11.67
N ARG A 474 20.63 2.61 -10.58
CA ARG A 474 21.31 2.46 -9.29
C ARG A 474 22.57 1.59 -9.31
N LYS B 4 -10.97 -6.15 9.43
CA LYS B 4 -9.93 -5.25 10.01
C LYS B 4 -8.61 -6.02 9.85
#